data_8EG4
#
_entry.id   8EG4
#
_cell.length_a   106.343
_cell.length_b   106.343
_cell.length_c   89.835
_cell.angle_alpha   90.000
_cell.angle_beta   90.000
_cell.angle_gamma   120.000
#
_symmetry.space_group_name_H-M   'H 3'
#
loop_
_entity.id
_entity.type
_entity.pdbx_description
1 polymer "DNA (5'-D(*GP*AP*GP*CP*AP*GP*CP*CP*TP*GP*TP*(5IU)P*TP*GP*GP*AP*CP*AP*TP*CP*A)-3')"
2 polymer "DNA (5'-D(P*CP*CP*AP*(5IU)P*AP*CP*A*(AG))-3')"
3 polymer "DNA (5'-D(P*GP*GP*CP*TP*GP*CP*T)-3')"
4 polymer "DNA (5'-D(P*CP*TP*GP*AP*TP*GP*T)-3')"
5 non-polymer 'SILVER ION'
#
loop_
_entity_poly.entity_id
_entity_poly.type
_entity_poly.pdbx_seq_one_letter_code
_entity_poly.pdbx_strand_id
1 'polydeoxyribonucleotide'
;(DG)(DA)(DG)(DC)(DA)(DG)(DC)(DC)(DT)(DG)(DT)(5IU)(DT)(DG)(DG)(DA)(DC)(DA)(DT)
(DC)(DA)
;
A
2 'polydeoxyribonucleotide' (DC)(DC)(DA)(5IU)(DA)(DC)(DA)(DG) B
3 'polydeoxyribonucleotide' (DG)(DG)(DC)(DT)(DG)(DC)(DT) C
4 'polydeoxyribonucleotide' (DC)(DT)(DG)(DA)(DT)(DG)(DT) D
#